data_7X8Z
#
_entry.id   7X8Z
#
_cell.length_a   1.00
_cell.length_b   1.00
_cell.length_c   1.00
_cell.angle_alpha   90.00
_cell.angle_beta   90.00
_cell.angle_gamma   90.00
#
_symmetry.space_group_name_H-M   'P 1'
#
loop_
_entity.id
_entity.type
_entity.pdbx_description
1 polymer 'Spike glycoprotein'
2 polymer 'Ab188 heavy chain'
3 polymer 'Ab188 light chain'
4 non-polymer 2-acetamido-2-deoxy-beta-D-glucopyranose
#
loop_
_entity_poly.entity_id
_entity_poly.type
_entity_poly.pdbx_seq_one_letter_code
_entity_poly.pdbx_strand_id
1 'polypeptide(L)'
;MFVFLVLLPLVSSQCVNLTTRTQLPPAYTNSFTRGVYYPDKVFRSSVLHSTQDLFLPFFSNVTWFHAIHVSGTNGTKRFD
NPVLPFNDGVYFASTEKSNIIRGWIFGTTLDSKTQSLLIVNNATNVVIKVCEFQFCNDPFLGVYYHKNNKSWMESEFRVY
SSANNCTFEYVSQPFLMDLEGKQGNFKNLREFVFKNIDGYFKIYSKHTPINLVRDLPQGFSALEPLVDLPIGINITRFQT
LLALHRSYLTPGDSSSGWTAGAAAYYVGYLQPRTFLLKYNENGTITDAVDCALDPLSETKCTLKSFTVEKGIYQTSNFRV
QPTESIVRFPNITNLCPFGEVFNATRFASVYAWNRKRISNCVADYSVLYNSASFSTFKCYGVSPTKLNDLCFTNVYADSF
VIRGDEVRQIAPGQTGKIADYNYKLPDDFTGCVIAWNSNNLDSKVGGNYNYLYRLFRKSNLKPFERDISTEIYQAGSTPC
NGVEGFNCYFPLQSYGFQPTNGVGYQPYRVVVLSFELLHAPATVCGPKKSTNLVKNKCVNFNFNGLTGTGVLTESNKKFL
PFQQFGRDIADTTDAVRDPQTLEILDITPCSFGGVSVITPGTNTSNQVAVLYQDVNCTEVPVAIHADQLTPTWRVYSTGS
NVFQTRAGCLIGAEHVNNSYECDIPIGAGICASYQTQTNSPGSASSVASQSIIAYTMSLGAENSVAYSNNSIAIPTNFTI
SVTTEILPVSMTKTSVDCTMYICGDSTECSNLLLQYGSFCTQLNRALTGIAVEQDKNTQEVFAQVKQIYKTPPIKDFGGF
NFSQILPDPSKPSKRSPIEDLLFNKVTLADAGFIKQYGDCLGDIAARDLICAQKFNGLTVLPPLLTDEMIAQYTSALLAG
TITSGWTFGAGPALQIPFPMQMAYRFNGIGVTQNVLYENQKLIANQFNSAIGKIQDSLSSTPSALGKLQDVVNQNAQALN
TLVKQLSSNFGAISSVLNDILSRLDPPEAEVQIDRLITGRLQSLQTYVTQQLIRAAEIRASANLAATKMSECVLGQSKRV
DFCGKGYHLMSFPQSAPHGVVFLHVTYVPAQEKNFTTAPAICHDGKAHFPREGVFVSNGTHWFVTQRNFYEPQIITTDNT
FVSGNCDVVIGIVNNTVYDPLQPELDSFKEELDKYFKNHTSPDVDLGDISGINASVVNIQKEIDRLNEVAKNLNESLIDL
QELGKYEQAAAGSGYIPEAPRDGQAYVRKDGEWVLLSTFLGSSGRENLYFQGGGGSGLNDIFEAQKIEWHEGHHHHHH
;
A
2 'polypeptide(L)'
;MDPKGSLSWRILLFLSLAFELSYGLELEEVQLVESGGGLVQPGGSLRLSCAASGFTFINYKMNWVRQAPGKGLEWVSYIS
SGSDAIYYADSVKGRFTISRDNAKNSLYLQMNSLRDEDTALYYCARGGGYNYGECMDVWGQGTTVTVSSASTKGPSVFPL
APSSKSTSGGTAALGCLVKDYFPEPVTVSWNSGALTSGVHTFPAVLQSSGLYSLSSVVTVPSSSLGTQTYICNVNHKPSN
TKVDKKVEPKSCENLYFQGHHHHHH
;
H
3 'polypeptide(L)'
;MDPKGSLSWRILLFLSLAFELSYGLELEDIQMTQSPDSLAVSLGERATINCKSSQSVLYSSNNKNYLAWYQQKPGQPPKL
LIYWASTRESGVPDRFSGSGSGTDFTLTISSLQAEDVAVYYCQHYYSPPPTFGGGTKVEIKRTVAAPSVFIFPPSDEQLK
SGTASVVCLLNNFYPREAKVQWKVDNALQSGNSQESVTEQDSKDSTYSLSSTLTLSKADYEKHKVYACEVTHQGLSSPVT
KSFNRGEC
;
L
#
# COMPACT_ATOMS: atom_id res chain seq x y z
N ASN A 334 -32.10 -27.16 23.91
CA ASN A 334 -30.79 -26.91 23.32
C ASN A 334 -30.86 -25.75 22.34
N LEU A 335 -29.93 -24.81 22.47
CA LEU A 335 -29.82 -23.67 21.57
C LEU A 335 -28.40 -23.60 21.03
N CYS A 336 -28.28 -23.17 19.77
CA CYS A 336 -26.97 -23.08 19.16
C CYS A 336 -26.19 -21.91 19.74
N PRO A 337 -24.85 -22.03 19.84
CA PRO A 337 -24.06 -20.94 20.42
C PRO A 337 -23.97 -19.71 19.52
N PHE A 338 -25.11 -19.16 19.11
CA PHE A 338 -25.10 -17.97 18.28
C PHE A 338 -24.53 -16.77 19.04
N GLY A 339 -24.84 -16.66 20.33
CA GLY A 339 -24.36 -15.53 21.10
C GLY A 339 -22.86 -15.42 21.12
N GLU A 340 -22.16 -16.57 21.20
CA GLU A 340 -20.71 -16.54 21.20
C GLU A 340 -20.17 -15.95 19.90
N VAL A 341 -20.74 -16.35 18.77
CA VAL A 341 -20.25 -15.85 17.48
C VAL A 341 -20.72 -14.43 17.18
N PHE A 342 -21.77 -13.95 17.86
CA PHE A 342 -22.29 -12.62 17.61
C PHE A 342 -22.01 -11.62 18.72
N ASN A 343 -21.58 -12.07 19.90
CA ASN A 343 -21.37 -11.17 21.03
C ASN A 343 -20.00 -11.41 21.69
N ALA A 344 -19.05 -11.95 20.93
CA ALA A 344 -17.69 -12.14 21.43
C ALA A 344 -16.94 -10.81 21.35
N THR A 345 -15.64 -10.83 21.65
CA THR A 345 -14.82 -9.63 21.60
C THR A 345 -13.48 -9.83 20.91
N ARG A 346 -13.04 -11.06 20.67
CA ARG A 346 -11.74 -11.28 20.02
C ARG A 346 -11.85 -11.15 18.51
N PHE A 347 -12.62 -12.04 17.88
CA PHE A 347 -12.66 -12.14 16.43
C PHE A 347 -11.23 -12.28 15.90
N ALA A 348 -11.04 -12.08 14.59
CA ALA A 348 -9.71 -12.19 14.01
C ALA A 348 -9.71 -11.48 12.67
N SER A 349 -8.52 -11.12 12.23
CA SER A 349 -8.36 -10.44 10.94
C SER A 349 -8.63 -11.43 9.80
N VAL A 350 -8.81 -10.87 8.61
CA VAL A 350 -9.18 -11.68 7.45
C VAL A 350 -8.06 -12.62 7.02
N TYR A 351 -6.80 -12.29 7.30
CA TYR A 351 -5.71 -13.13 6.79
C TYR A 351 -5.78 -14.54 7.40
N ALA A 352 -6.23 -14.65 8.64
CA ALA A 352 -6.37 -15.95 9.32
C ALA A 352 -7.69 -15.90 10.10
N TRP A 353 -8.75 -16.38 9.48
CA TRP A 353 -10.11 -16.20 9.96
C TRP A 353 -10.65 -17.50 10.53
N ASN A 354 -11.24 -17.42 11.72
CA ASN A 354 -11.78 -18.60 12.37
C ASN A 354 -12.99 -19.15 11.61
N ARG A 355 -13.32 -20.40 11.91
CA ARG A 355 -14.48 -21.07 11.33
C ARG A 355 -15.09 -21.95 12.42
N LYS A 356 -16.41 -21.92 12.54
CA LYS A 356 -17.12 -22.65 13.58
C LYS A 356 -18.18 -23.55 12.96
N ARG A 357 -18.30 -24.75 13.51
CA ARG A 357 -19.20 -25.78 13.01
C ARG A 357 -20.37 -25.93 13.96
N ILE A 358 -21.41 -25.14 13.74
CA ILE A 358 -22.65 -25.27 14.51
C ILE A 358 -23.36 -26.53 14.01
N SER A 359 -23.68 -27.44 14.94
CA SER A 359 -24.29 -28.70 14.59
C SER A 359 -25.01 -29.26 15.81
N ASN A 360 -25.96 -30.15 15.54
CA ASN A 360 -26.71 -30.85 16.59
C ASN A 360 -27.29 -29.86 17.60
N CYS A 361 -27.92 -28.82 17.09
CA CYS A 361 -28.55 -27.82 17.94
C CYS A 361 -29.62 -27.09 17.13
N VAL A 362 -30.51 -26.42 17.84
CA VAL A 362 -31.58 -25.63 17.24
C VAL A 362 -31.20 -24.16 17.36
N ALA A 363 -31.20 -23.46 16.23
CA ALA A 363 -30.84 -22.04 16.19
C ALA A 363 -32.11 -21.22 16.02
N ASP A 364 -32.29 -20.24 16.92
CA ASP A 364 -33.47 -19.37 16.89
C ASP A 364 -33.21 -18.24 15.89
N TYR A 365 -33.43 -18.56 14.62
CA TYR A 365 -33.19 -17.59 13.56
C TYR A 365 -34.07 -16.34 13.70
N SER A 366 -35.15 -16.43 14.48
CA SER A 366 -36.04 -15.29 14.61
C SER A 366 -35.29 -14.05 15.11
N VAL A 367 -34.42 -14.22 16.10
CA VAL A 367 -33.70 -13.07 16.65
C VAL A 367 -32.74 -12.47 15.64
N LEU A 368 -32.39 -13.21 14.58
CA LEU A 368 -31.46 -12.68 13.59
C LEU A 368 -32.03 -11.45 12.90
N TYR A 369 -33.31 -11.51 12.52
CA TYR A 369 -33.93 -10.46 11.71
C TYR A 369 -35.01 -9.69 12.48
N ASN A 370 -34.99 -9.76 13.80
CA ASN A 370 -35.91 -8.98 14.63
C ASN A 370 -35.13 -8.11 15.61
N SER A 371 -33.93 -7.67 15.21
CA SER A 371 -33.08 -6.85 16.05
C SER A 371 -32.91 -5.43 15.55
N ALA A 372 -33.10 -5.18 14.25
CA ALA A 372 -32.92 -3.85 13.68
C ALA A 372 -31.53 -3.30 13.99
N SER A 373 -30.52 -4.17 13.93
CA SER A 373 -29.16 -3.80 14.25
C SER A 373 -28.14 -4.28 13.22
N PHE A 374 -28.57 -5.00 12.19
CA PHE A 374 -27.67 -5.51 11.17
C PHE A 374 -27.73 -4.60 9.96
N SER A 375 -26.58 -4.01 9.59
CA SER A 375 -26.55 -3.09 8.47
C SER A 375 -26.90 -3.81 7.17
N THR A 376 -26.36 -5.00 6.95
CA THR A 376 -26.63 -5.77 5.74
C THR A 376 -26.96 -7.20 6.12
N PHE A 377 -28.03 -7.74 5.53
CA PHE A 377 -28.56 -9.06 5.84
C PHE A 377 -28.83 -9.83 4.55
N LYS A 378 -27.84 -9.90 3.67
CA LYS A 378 -28.06 -10.42 2.32
C LYS A 378 -28.04 -11.94 2.35
N CYS A 379 -29.21 -12.56 2.23
CA CYS A 379 -29.32 -14.02 2.16
C CYS A 379 -29.58 -14.46 0.73
N TYR A 380 -28.71 -15.34 0.24
CA TYR A 380 -28.78 -15.88 -1.12
C TYR A 380 -29.36 -17.28 -1.13
N GLY A 381 -29.80 -17.78 0.02
CA GLY A 381 -30.25 -19.15 0.13
C GLY A 381 -31.64 -19.34 -0.46
N VAL A 382 -32.18 -20.54 -0.23
CA VAL A 382 -33.46 -20.91 -0.81
C VAL A 382 -34.56 -19.94 -0.39
N SER A 383 -34.41 -19.32 0.78
CA SER A 383 -35.42 -18.43 1.32
C SER A 383 -34.76 -17.42 2.26
N PRO A 384 -34.54 -16.18 1.80
CA PRO A 384 -33.94 -15.19 2.72
C PRO A 384 -34.79 -14.95 3.96
N THR A 385 -36.10 -15.04 3.82
CA THR A 385 -37.01 -15.06 4.95
C THR A 385 -37.61 -16.45 5.10
N LYS A 386 -38.41 -16.64 6.14
CA LYS A 386 -39.09 -17.90 6.39
C LYS A 386 -38.09 -19.06 6.33
N LEU A 387 -37.14 -19.03 7.26
CA LEU A 387 -36.20 -20.14 7.41
C LEU A 387 -36.77 -21.27 8.24
N ASN A 388 -38.04 -21.18 8.65
CA ASN A 388 -38.67 -22.26 9.38
C ASN A 388 -38.90 -23.46 8.48
N ASP A 389 -39.06 -24.63 9.11
CA ASP A 389 -39.24 -25.91 8.44
C ASP A 389 -37.99 -26.37 7.70
N LEU A 390 -36.87 -25.66 7.85
CA LEU A 390 -35.61 -26.01 7.21
C LEU A 390 -34.72 -26.70 8.24
N CYS A 391 -34.26 -27.91 7.92
CA CYS A 391 -33.29 -28.63 8.73
C CYS A 391 -32.14 -29.07 7.85
N PHE A 392 -30.92 -28.95 8.37
CA PHE A 392 -29.71 -29.30 7.65
C PHE A 392 -28.83 -30.16 8.55
N THR A 393 -27.73 -30.65 7.98
CA THR A 393 -26.77 -31.48 8.70
C THR A 393 -25.47 -30.76 9.03
N ASN A 394 -25.38 -29.46 8.74
CA ASN A 394 -24.17 -28.71 9.03
C ASN A 394 -24.41 -27.22 8.89
N VAL A 395 -24.02 -26.43 9.89
CA VAL A 395 -24.06 -24.98 9.82
C VAL A 395 -22.63 -24.46 9.99
N TYR A 396 -22.20 -23.60 9.08
CA TYR A 396 -20.87 -23.03 9.11
C TYR A 396 -20.97 -21.54 9.43
N ALA A 397 -20.26 -21.12 10.48
CA ALA A 397 -20.25 -19.74 10.92
C ALA A 397 -18.84 -19.19 10.79
N ASP A 398 -18.74 -17.91 10.42
CA ASP A 398 -17.46 -17.24 10.22
C ASP A 398 -17.49 -15.92 10.96
N SER A 399 -16.36 -15.21 10.92
CA SER A 399 -16.29 -13.90 11.57
C SER A 399 -15.10 -13.14 10.98
N PHE A 400 -15.37 -11.95 10.43
CA PHE A 400 -14.35 -11.17 9.76
C PHE A 400 -14.43 -9.74 10.28
N VAL A 401 -13.33 -9.00 10.12
CA VAL A 401 -13.33 -7.55 10.30
C VAL A 401 -12.84 -6.93 8.99
N ILE A 402 -13.68 -6.12 8.35
CA ILE A 402 -13.35 -5.54 7.06
C ILE A 402 -13.61 -4.04 7.12
N ARG A 403 -12.86 -3.30 6.31
CA ARG A 403 -13.14 -1.88 6.12
C ARG A 403 -14.52 -1.70 5.48
N GLY A 404 -15.17 -0.59 5.81
CA GLY A 404 -16.55 -0.39 5.42
C GLY A 404 -16.87 -0.65 3.96
N ASP A 405 -16.35 0.18 3.07
CA ASP A 405 -16.76 0.15 1.68
C ASP A 405 -16.56 -1.21 1.04
N GLU A 406 -15.63 -2.02 1.53
CA GLU A 406 -15.32 -3.30 0.91
C GLU A 406 -16.25 -4.41 1.35
N VAL A 407 -17.21 -4.15 2.25
CA VAL A 407 -18.08 -5.21 2.72
C VAL A 407 -18.81 -5.87 1.55
N ARG A 408 -19.28 -5.05 0.60
CA ARG A 408 -20.03 -5.58 -0.52
C ARG A 408 -19.21 -6.53 -1.38
N GLN A 409 -17.88 -6.53 -1.23
CA GLN A 409 -17.05 -7.47 -1.97
C GLN A 409 -17.16 -8.90 -1.46
N ILE A 410 -17.80 -9.12 -0.31
CA ILE A 410 -17.93 -10.48 0.21
C ILE A 410 -18.82 -11.32 -0.70
N ALA A 411 -19.82 -10.72 -1.33
CA ALA A 411 -20.79 -11.50 -2.08
C ALA A 411 -20.12 -12.18 -3.27
N PRO A 412 -20.71 -13.28 -3.77
CA PRO A 412 -20.10 -13.98 -4.90
C PRO A 412 -20.13 -13.14 -6.17
N GLY A 413 -19.23 -13.48 -7.09
CA GLY A 413 -19.17 -12.82 -8.38
C GLY A 413 -18.46 -11.50 -8.39
N GLN A 414 -17.98 -11.02 -7.26
CA GLN A 414 -17.19 -9.80 -7.21
C GLN A 414 -15.71 -10.13 -7.40
N THR A 415 -14.91 -9.08 -7.47
CA THR A 415 -13.46 -9.22 -7.64
C THR A 415 -12.77 -8.02 -7.03
N GLY A 416 -11.77 -8.28 -6.21
CA GLY A 416 -11.06 -7.21 -5.52
C GLY A 416 -10.03 -7.80 -4.56
N LYS A 417 -9.45 -6.90 -3.77
CA LYS A 417 -8.41 -7.32 -2.83
C LYS A 417 -8.93 -8.40 -1.89
N ILE A 418 -9.90 -8.06 -1.05
CA ILE A 418 -10.39 -9.00 -0.06
C ILE A 418 -11.10 -10.17 -0.72
N ALA A 419 -11.87 -9.89 -1.78
CA ALA A 419 -12.72 -10.92 -2.37
C ALA A 419 -11.91 -11.98 -3.10
N ASP A 420 -10.75 -11.62 -3.64
CA ASP A 420 -9.97 -12.54 -4.46
C ASP A 420 -8.68 -13.02 -3.80
N TYR A 421 -8.15 -12.30 -2.81
CA TYR A 421 -6.89 -12.67 -2.20
C TYR A 421 -7.02 -13.14 -0.76
N ASN A 422 -8.17 -12.95 -0.11
CA ASN A 422 -8.34 -13.34 1.28
C ASN A 422 -9.62 -14.11 1.57
N TYR A 423 -10.65 -13.99 0.73
CA TYR A 423 -11.88 -14.74 0.94
C TYR A 423 -12.75 -14.70 -0.31
N LYS A 424 -13.14 -15.88 -0.81
CA LYS A 424 -13.93 -15.98 -2.03
C LYS A 424 -15.07 -16.96 -1.80
N LEU A 425 -16.28 -16.53 -2.16
CA LEU A 425 -17.43 -17.41 -2.04
C LEU A 425 -17.58 -18.26 -3.30
N PRO A 426 -18.18 -19.45 -3.18
CA PRO A 426 -18.42 -20.25 -4.38
C PRO A 426 -19.53 -19.67 -5.23
N ASP A 427 -19.58 -20.12 -6.49
CA ASP A 427 -20.59 -19.62 -7.41
C ASP A 427 -22.00 -20.02 -6.99
N ASP A 428 -22.14 -21.16 -6.31
CA ASP A 428 -23.42 -21.70 -5.90
C ASP A 428 -23.63 -21.59 -4.39
N PHE A 429 -23.20 -20.47 -3.82
CA PHE A 429 -23.30 -20.29 -2.37
C PHE A 429 -24.77 -20.35 -1.93
N THR A 430 -25.01 -20.93 -0.76
CA THR A 430 -26.35 -21.22 -0.27
C THR A 430 -26.50 -20.80 1.19
N GLY A 431 -26.05 -19.58 1.52
CA GLY A 431 -26.14 -19.11 2.89
C GLY A 431 -26.54 -17.65 3.02
N CYS A 432 -26.05 -16.98 4.05
CA CYS A 432 -26.33 -15.58 4.30
C CYS A 432 -25.03 -14.84 4.58
N VAL A 433 -25.05 -13.54 4.33
CA VAL A 433 -23.97 -12.63 4.69
C VAL A 433 -24.57 -11.56 5.58
N ILE A 434 -24.16 -11.53 6.85
CA ILE A 434 -24.69 -10.60 7.84
C ILE A 434 -23.53 -9.72 8.27
N ALA A 435 -23.58 -8.45 7.88
CA ALA A 435 -22.53 -7.49 8.20
C ALA A 435 -23.10 -6.35 9.02
N TRP A 436 -22.44 -6.02 10.13
CA TRP A 436 -22.89 -4.94 10.99
C TRP A 436 -21.71 -4.03 11.31
N ASN A 437 -22.03 -2.86 11.85
CA ASN A 437 -21.04 -1.88 12.24
C ASN A 437 -20.62 -2.09 13.69
N SER A 438 -19.32 -1.98 13.93
CA SER A 438 -18.74 -2.10 15.26
C SER A 438 -17.74 -0.98 15.50
N ASN A 439 -18.03 0.20 14.96
CA ASN A 439 -17.12 1.34 15.10
C ASN A 439 -17.00 1.79 16.55
N ASN A 440 -17.94 1.42 17.41
CA ASN A 440 -17.95 1.84 18.80
C ASN A 440 -17.22 0.86 19.72
N LEU A 441 -16.65 -0.22 19.18
CA LEU A 441 -16.01 -1.23 20.01
C LEU A 441 -14.59 -1.52 19.54
N ASP A 442 -14.34 -1.46 18.23
CA ASP A 442 -13.10 -1.90 17.63
C ASP A 442 -12.33 -0.75 17.02
N SER A 443 -12.27 0.37 17.72
CA SER A 443 -11.49 1.51 17.26
C SER A 443 -11.04 2.34 18.47
N LYS A 444 -9.80 2.80 18.42
CA LYS A 444 -9.23 3.62 19.47
C LYS A 444 -8.84 4.98 18.91
N VAL A 445 -8.87 6.00 19.77
CA VAL A 445 -8.59 7.35 19.33
C VAL A 445 -7.18 7.45 18.75
N GLY A 446 -6.20 6.85 19.43
CA GLY A 446 -4.84 6.86 18.90
C GLY A 446 -4.72 6.10 17.61
N GLY A 447 -5.42 4.97 17.50
CA GLY A 447 -5.37 4.15 16.31
C GLY A 447 -5.06 2.70 16.63
N ASN A 448 -5.95 1.79 16.22
CA ASN A 448 -5.81 0.36 16.49
C ASN A 448 -5.21 -0.29 15.25
N TYR A 449 -3.89 -0.41 15.24
CA TYR A 449 -3.17 -1.08 14.15
C TYR A 449 -2.98 -2.56 14.46
N ASN A 450 -4.08 -3.23 14.79
CA ASN A 450 -4.07 -4.66 15.13
C ASN A 450 -5.02 -5.45 14.24
N TYR A 451 -5.29 -4.95 13.04
CA TYR A 451 -6.12 -5.62 12.06
C TYR A 451 -5.35 -5.69 10.74
N LEU A 452 -5.40 -6.85 10.08
CA LEU A 452 -4.54 -7.10 8.93
C LEU A 452 -5.35 -7.73 7.79
N TYR A 453 -4.83 -7.54 6.59
CA TYR A 453 -5.37 -8.19 5.40
C TYR A 453 -4.24 -8.38 4.40
N ARG A 454 -4.29 -9.48 3.65
CA ARG A 454 -3.23 -9.76 2.69
C ARG A 454 -3.42 -8.91 1.45
N LEU A 455 -2.32 -8.71 0.71
CA LEU A 455 -2.30 -7.84 -0.45
C LEU A 455 -1.99 -8.55 -1.76
N PHE A 456 -1.32 -9.70 -1.72
CA PHE A 456 -0.93 -10.39 -2.94
C PHE A 456 -0.65 -11.86 -2.63
N ARG A 457 -1.00 -12.72 -3.59
CA ARG A 457 -0.72 -14.14 -3.50
C ARG A 457 -0.17 -14.73 -4.79
N LYS A 458 -0.06 -13.96 -5.87
CA LYS A 458 0.36 -14.45 -7.18
C LYS A 458 -0.33 -15.77 -7.53
N SER A 459 -1.54 -15.97 -6.98
CA SER A 459 -2.36 -17.12 -7.33
C SER A 459 -3.78 -16.84 -6.85
N ASN A 460 -4.73 -16.72 -7.77
CA ASN A 460 -6.10 -16.46 -7.38
C ASN A 460 -6.63 -17.60 -6.51
N LEU A 461 -7.25 -17.25 -5.39
CA LEU A 461 -7.69 -18.26 -4.44
C LEU A 461 -8.85 -19.06 -5.00
N LYS A 462 -8.83 -20.36 -4.73
CA LYS A 462 -9.92 -21.27 -5.07
C LYS A 462 -11.06 -21.00 -4.09
N PRO A 463 -12.20 -21.72 -4.20
CA PRO A 463 -13.25 -21.53 -3.19
C PRO A 463 -12.73 -21.43 -1.77
N PHE A 464 -13.46 -20.71 -0.92
CA PHE A 464 -12.94 -20.23 0.36
C PHE A 464 -12.06 -21.26 1.04
N GLU A 465 -10.84 -20.86 1.35
CA GLU A 465 -9.84 -21.72 1.96
C GLU A 465 -8.93 -20.85 2.81
N ARG A 466 -8.77 -21.22 4.08
CA ARG A 466 -7.95 -20.43 4.98
C ARG A 466 -6.52 -20.32 4.45
N ASP A 467 -5.94 -19.14 4.59
CA ASP A 467 -4.59 -18.86 4.07
C ASP A 467 -3.82 -18.08 5.13
N ILE A 468 -3.09 -18.79 5.99
CA ILE A 468 -2.20 -18.18 6.97
C ILE A 468 -0.77 -18.50 6.55
N SER A 469 -0.03 -17.46 6.16
CA SER A 469 1.37 -17.63 5.79
C SER A 469 2.05 -16.27 5.89
N THR A 470 2.94 -16.11 6.87
CA THR A 470 3.71 -14.88 7.03
C THR A 470 5.00 -15.02 6.22
N GLU A 471 4.86 -14.86 4.91
CA GLU A 471 5.97 -14.98 3.99
C GLU A 471 6.67 -13.64 3.82
N ILE A 472 7.85 -13.68 3.21
CA ILE A 472 8.65 -12.49 2.95
C ILE A 472 8.82 -12.34 1.44
N TYR A 473 7.76 -12.68 0.69
CA TYR A 473 7.82 -12.73 -0.77
C TYR A 473 8.70 -11.65 -1.37
N GLN A 474 9.60 -12.06 -2.25
CA GLN A 474 10.56 -11.16 -2.87
C GLN A 474 10.03 -10.65 -4.21
N ALA A 475 10.76 -9.69 -4.77
CA ALA A 475 10.45 -9.11 -6.07
C ALA A 475 11.70 -9.01 -6.92
N GLY A 476 12.55 -10.05 -6.86
CA GLY A 476 13.78 -10.09 -7.63
C GLY A 476 14.85 -9.14 -7.13
N SER A 477 15.54 -8.48 -8.05
CA SER A 477 16.62 -7.57 -7.69
C SER A 477 17.67 -8.29 -6.86
N THR A 478 17.56 -8.19 -5.53
CA THR A 478 18.50 -8.83 -4.63
C THR A 478 17.77 -9.78 -3.70
N PRO A 479 18.42 -10.87 -3.26
CA PRO A 479 17.74 -11.81 -2.36
C PRO A 479 17.34 -11.14 -1.06
N CYS A 480 16.20 -11.56 -0.52
CA CYS A 480 15.72 -11.10 0.78
C CYS A 480 16.26 -12.05 1.84
N ASN A 481 17.41 -11.70 2.41
CA ASN A 481 18.11 -12.57 3.36
C ASN A 481 17.43 -12.46 4.73
N GLY A 482 16.21 -12.98 4.79
CA GLY A 482 15.47 -13.04 6.04
C GLY A 482 15.00 -11.70 6.58
N VAL A 483 15.15 -10.63 5.81
CA VAL A 483 14.75 -9.30 6.25
C VAL A 483 14.02 -8.61 5.11
N GLU A 484 13.01 -7.81 5.46
CA GLU A 484 12.22 -7.10 4.46
C GLU A 484 13.02 -5.94 3.88
N GLY A 485 14.00 -6.26 3.04
CA GLY A 485 14.86 -5.25 2.46
C GLY A 485 14.40 -4.81 1.09
N PHE A 486 15.34 -4.40 0.25
CA PHE A 486 14.99 -3.89 -1.07
C PHE A 486 14.19 -4.92 -1.86
N ASN A 487 13.10 -4.46 -2.47
CA ASN A 487 12.22 -5.32 -3.26
C ASN A 487 11.70 -6.50 -2.44
N CYS A 488 11.66 -6.34 -1.12
CA CYS A 488 11.05 -7.32 -0.22
C CYS A 488 9.85 -6.70 0.44
N TYR A 489 8.70 -7.36 0.31
CA TYR A 489 7.41 -6.74 0.57
C TYR A 489 6.60 -7.65 1.50
N PHE A 490 6.42 -7.22 2.74
CA PHE A 490 5.66 -8.01 3.69
C PHE A 490 4.22 -8.10 3.22
N PRO A 491 3.61 -9.29 3.18
CA PRO A 491 2.31 -9.45 2.51
C PRO A 491 1.11 -9.20 3.39
N LEU A 492 1.25 -8.57 4.56
CA LEU A 492 0.13 -8.35 5.47
C LEU A 492 0.00 -6.85 5.74
N GLN A 493 -0.86 -6.19 4.97
CA GLN A 493 -1.16 -4.78 5.22
C GLN A 493 -2.02 -4.65 6.47
N SER A 494 -1.98 -3.47 7.08
CA SER A 494 -2.78 -3.18 8.27
C SER A 494 -3.78 -2.08 7.98
N TYR A 495 -4.99 -2.24 8.51
CA TYR A 495 -6.07 -1.29 8.24
C TYR A 495 -5.78 0.05 8.90
N GLY A 496 -6.26 1.12 8.26
CA GLY A 496 -6.21 2.45 8.84
C GLY A 496 -7.46 2.79 9.62
N PHE A 497 -7.64 2.17 10.78
CA PHE A 497 -8.84 2.37 11.57
C PHE A 497 -8.69 3.56 12.51
N GLN A 498 -9.58 4.53 12.38
CA GLN A 498 -9.66 5.67 13.29
C GLN A 498 -11.12 5.99 13.52
N PRO A 499 -11.47 6.53 14.71
CA PRO A 499 -12.86 6.91 15.00
C PRO A 499 -13.23 8.29 14.48
N THR A 500 -12.82 8.59 13.26
CA THR A 500 -13.13 9.87 12.62
C THR A 500 -13.74 9.69 11.24
N ASN A 501 -13.31 8.69 10.48
CA ASN A 501 -13.83 8.50 9.13
C ASN A 501 -15.27 8.02 9.18
N GLY A 502 -16.02 8.36 8.13
CA GLY A 502 -17.42 8.01 8.02
C GLY A 502 -17.63 6.55 7.68
N VAL A 503 -18.73 6.28 6.97
CA VAL A 503 -19.10 4.91 6.65
C VAL A 503 -17.99 4.20 5.90
N GLY A 504 -17.36 4.90 4.94
CA GLY A 504 -16.38 4.29 4.07
C GLY A 504 -15.28 3.54 4.81
N TYR A 505 -14.42 4.28 5.53
CA TYR A 505 -13.30 3.68 6.24
C TYR A 505 -13.67 3.52 7.71
N GLN A 506 -14.52 2.54 7.98
CA GLN A 506 -14.90 2.20 9.34
C GLN A 506 -14.94 0.69 9.49
N PRO A 507 -14.66 0.18 10.69
CA PRO A 507 -14.74 -1.27 10.89
C PRO A 507 -16.15 -1.80 10.68
N TYR A 508 -16.24 -2.97 10.05
CA TYR A 508 -17.45 -3.76 10.01
C TYR A 508 -17.12 -5.18 10.43
N ARG A 509 -17.99 -5.77 11.24
CA ARG A 509 -17.91 -7.17 11.59
C ARG A 509 -18.83 -7.96 10.67
N VAL A 510 -18.29 -9.00 10.05
CA VAL A 510 -18.99 -9.75 9.01
C VAL A 510 -19.12 -11.19 9.47
N VAL A 511 -20.26 -11.81 9.12
CA VAL A 511 -20.51 -13.20 9.41
C VAL A 511 -21.06 -13.84 8.15
N VAL A 512 -20.27 -14.74 7.54
CA VAL A 512 -20.70 -15.48 6.36
C VAL A 512 -21.34 -16.77 6.89
N LEU A 513 -22.63 -16.68 7.22
CA LEU A 513 -23.35 -17.80 7.81
C LEU A 513 -23.75 -18.74 6.67
N SER A 514 -22.85 -19.67 6.34
CA SER A 514 -22.99 -20.52 5.17
C SER A 514 -23.64 -21.84 5.57
N PHE A 515 -24.66 -22.24 4.82
CA PHE A 515 -25.28 -23.55 4.99
C PHE A 515 -24.59 -24.56 4.09
N GLU A 516 -24.73 -25.84 4.46
CA GLU A 516 -24.12 -26.92 3.69
C GLU A 516 -24.91 -28.19 3.94
N LEU A 517 -25.75 -28.57 2.97
CA LEU A 517 -26.53 -29.78 3.05
C LEU A 517 -25.72 -30.95 2.51
N LEU A 518 -25.27 -31.83 3.40
CA LEU A 518 -24.46 -32.97 3.05
C LEU A 518 -25.32 -34.23 3.02
N HIS A 519 -24.68 -35.35 2.69
CA HIS A 519 -25.38 -36.63 2.62
C HIS A 519 -25.77 -37.14 4.00
N ALA A 520 -25.14 -36.66 5.06
CA ALA A 520 -25.44 -37.13 6.40
C ALA A 520 -26.80 -36.62 6.86
N PRO A 521 -27.39 -37.27 7.86
CA PRO A 521 -28.71 -36.85 8.33
C PRO A 521 -28.70 -35.41 8.84
N ALA A 522 -29.82 -34.73 8.63
CA ALA A 522 -29.96 -33.35 9.07
C ALA A 522 -29.98 -33.28 10.59
N THR A 523 -29.27 -32.30 11.13
CA THR A 523 -29.14 -32.12 12.57
C THR A 523 -29.66 -30.76 13.03
N VAL A 524 -29.34 -29.69 12.31
CA VAL A 524 -29.73 -28.35 12.73
C VAL A 524 -31.10 -28.00 12.19
N CYS A 525 -32.14 -28.40 12.92
CA CYS A 525 -33.50 -28.03 12.57
C CYS A 525 -33.85 -26.66 13.14
N GLY A 526 -34.63 -25.90 12.39
CA GLY A 526 -35.04 -24.58 12.81
C GLY A 526 -36.09 -24.63 13.89
N PRO A 527 -36.49 -23.45 14.41
CA PRO A 527 -37.49 -23.32 15.47
C PRO A 527 -38.72 -24.20 15.25
N GLU B 29 -6.20 15.72 4.08
CA GLU B 29 -5.97 14.39 3.47
C GLU B 29 -4.56 13.88 3.82
N VAL B 30 -4.14 12.81 3.16
CA VAL B 30 -2.82 12.25 3.40
C VAL B 30 -1.76 13.19 2.85
N GLN B 31 -0.92 13.72 3.73
CA GLN B 31 0.11 14.67 3.33
C GLN B 31 1.30 14.53 4.28
N LEU B 32 2.49 14.82 3.76
CA LEU B 32 3.72 14.73 4.52
C LEU B 32 4.26 16.12 4.82
N VAL B 33 4.66 16.33 6.07
CA VAL B 33 5.22 17.60 6.53
C VAL B 33 6.57 17.34 7.17
N GLU B 34 7.38 18.39 7.22
CA GLU B 34 8.74 18.30 7.73
C GLU B 34 9.02 19.46 8.69
N SER B 35 10.02 19.23 9.55
CA SER B 35 10.42 20.23 10.53
C SER B 35 11.89 20.05 10.85
N GLY B 36 12.57 21.16 11.11
CA GLY B 36 13.98 21.17 11.47
C GLY B 36 14.82 21.82 10.40
N GLY B 37 16.13 21.64 10.53
CA GLY B 37 17.07 22.16 9.56
C GLY B 37 17.30 23.65 9.71
N GLY B 38 18.07 24.19 8.77
CA GLY B 38 18.37 25.60 8.75
C GLY B 38 19.86 25.88 8.69
N LEU B 39 20.38 26.49 9.75
CA LEU B 39 21.78 26.88 9.83
C LEU B 39 22.49 26.08 10.91
N VAL B 40 23.78 25.83 10.70
CA VAL B 40 24.59 25.07 11.64
C VAL B 40 26.05 25.33 11.32
N GLN B 41 26.91 25.11 12.32
CA GLN B 41 28.35 25.23 12.12
C GLN B 41 28.90 23.98 11.46
N PRO B 42 30.08 24.06 10.85
CA PRO B 42 30.65 22.88 10.18
C PRO B 42 30.80 21.72 11.15
N GLY B 43 30.17 20.59 10.81
CA GLY B 43 30.25 19.40 11.62
C GLY B 43 29.18 19.24 12.68
N GLY B 44 28.15 20.09 12.66
CA GLY B 44 27.13 20.04 13.68
C GLY B 44 26.25 18.81 13.59
N SER B 45 25.35 18.69 14.55
CA SER B 45 24.40 17.58 14.63
C SER B 45 22.99 18.13 14.44
N LEU B 46 22.25 17.53 13.52
CA LEU B 46 20.88 17.96 13.21
C LEU B 46 19.94 16.77 13.29
N ARG B 47 18.67 17.08 13.54
CA ARG B 47 17.61 16.07 13.66
C ARG B 47 16.40 16.58 12.86
N LEU B 48 16.23 16.05 11.65
CA LEU B 48 15.15 16.46 10.78
C LEU B 48 13.96 15.50 10.95
N SER B 49 12.78 16.04 11.19
CA SER B 49 11.60 15.25 11.49
C SER B 49 10.63 15.29 10.32
N CYS B 50 10.16 14.13 9.90
CA CYS B 50 9.14 13.99 8.87
C CYS B 50 7.93 13.31 9.49
N ALA B 51 6.77 13.97 9.40
CA ALA B 51 5.57 13.49 10.07
C ALA B 51 4.39 13.52 9.10
N ALA B 52 3.44 12.63 9.33
CA ALA B 52 2.24 12.52 8.51
C ALA B 52 1.34 11.47 9.15
N SER B 53 0.13 11.35 8.62
CA SER B 53 -0.83 10.36 9.09
C SER B 53 -1.86 10.14 8.00
N GLY B 54 -2.85 9.29 8.30
CA GLY B 54 -3.89 8.96 7.36
C GLY B 54 -3.60 7.77 6.47
N PHE B 55 -2.39 7.22 6.52
CA PHE B 55 -2.08 6.04 5.71
C PHE B 55 -1.19 5.04 6.46
N THR B 56 -1.19 5.05 7.79
CA THR B 56 -0.72 3.91 8.58
C THR B 56 0.75 3.59 8.28
N PHE B 57 1.64 4.48 8.73
CA PHE B 57 3.07 4.30 8.56
C PHE B 57 3.52 2.87 8.79
N ILE B 58 2.82 2.12 9.64
CA ILE B 58 3.24 0.76 9.99
C ILE B 58 3.49 -0.08 8.75
N ASN B 59 2.86 0.26 7.62
CA ASN B 59 2.90 -0.57 6.42
C ASN B 59 3.33 0.25 5.20
N TYR B 60 4.39 1.04 5.34
CA TYR B 60 4.93 1.78 4.22
C TYR B 60 6.42 2.01 4.43
N LYS B 61 7.11 2.28 3.33
CA LYS B 61 8.55 2.46 3.32
C LYS B 61 8.86 3.90 2.94
N MET B 62 9.65 4.57 3.77
CA MET B 62 9.95 5.98 3.58
C MET B 62 11.42 6.17 3.22
N ASN B 63 11.72 7.31 2.61
CA ASN B 63 13.06 7.60 2.12
C ASN B 63 13.32 9.10 2.23
N TRP B 64 14.61 9.44 2.24
CA TRP B 64 15.06 10.83 2.16
C TRP B 64 15.80 11.02 0.85
N VAL B 65 15.56 12.15 0.19
CA VAL B 65 16.20 12.47 -1.08
C VAL B 65 16.66 13.91 -1.08
N ARG B 66 17.88 14.12 -1.60
CA ARG B 66 18.52 15.43 -1.62
C ARG B 66 18.03 16.24 -2.80
N GLN B 67 18.05 17.57 -2.65
CA GLN B 67 17.87 18.49 -3.76
C GLN B 67 18.81 19.67 -3.55
N ALA B 68 20.00 19.58 -4.13
CA ALA B 68 21.00 20.63 -3.99
C ALA B 68 20.71 21.74 -4.99
N PRO B 69 20.54 23.00 -4.55
CA PRO B 69 20.22 24.07 -5.50
C PRO B 69 21.11 24.08 -6.73
N GLY B 70 20.49 23.87 -7.90
CA GLY B 70 21.19 23.96 -9.16
C GLY B 70 22.30 22.95 -9.37
N LYS B 71 22.17 21.76 -8.79
CA LYS B 71 23.10 20.67 -9.07
C LYS B 71 22.37 19.46 -9.66
N GLY B 72 21.35 18.99 -8.95
CA GLY B 72 20.65 17.79 -9.38
C GLY B 72 19.82 17.24 -8.23
N LEU B 73 19.50 15.97 -8.34
CA LEU B 73 18.70 15.26 -7.34
C LEU B 73 19.33 13.89 -7.08
N GLU B 74 19.32 13.47 -5.82
CA GLU B 74 20.01 12.26 -5.41
C GLU B 74 19.19 11.48 -4.38
N TRP B 75 19.75 10.37 -3.94
CA TRP B 75 19.14 9.45 -2.99
C TRP B 75 20.14 9.11 -1.89
N VAL B 76 19.75 9.33 -0.63
CA VAL B 76 20.70 9.28 0.49
C VAL B 76 20.19 8.49 1.68
N SER B 77 19.04 7.83 1.61
CA SER B 77 18.55 7.13 2.79
C SER B 77 17.61 6.01 2.36
N TYR B 78 17.19 5.23 3.37
CA TYR B 78 16.22 4.15 3.17
C TYR B 78 15.81 3.56 4.51
N ILE B 79 14.56 3.12 4.63
CA ILE B 79 14.07 2.44 5.82
C ILE B 79 12.94 1.51 5.41
N SER B 80 12.49 0.70 6.36
CA SER B 80 11.39 -0.23 6.15
C SER B 80 10.41 -0.12 7.31
N SER B 81 9.44 -1.04 7.35
CA SER B 81 8.39 -0.96 8.36
C SER B 81 8.96 -1.07 9.77
N GLY B 82 9.78 -2.09 10.02
CA GLY B 82 10.33 -2.32 11.34
C GLY B 82 11.77 -1.87 11.47
N SER B 83 12.22 -1.01 10.56
CA SER B 83 13.60 -0.53 10.53
C SER B 83 14.58 -1.68 10.29
N ASP B 84 14.12 -2.72 9.58
CA ASP B 84 15.00 -3.85 9.30
C ASP B 84 16.12 -3.49 8.33
N ALA B 85 15.81 -2.71 7.30
CA ALA B 85 16.78 -2.34 6.27
C ALA B 85 17.17 -0.89 6.45
N ILE B 86 18.48 -0.63 6.43
CA ILE B 86 19.02 0.71 6.70
C ILE B 86 19.94 1.12 5.56
N TYR B 87 19.64 0.68 4.34
CA TYR B 87 20.50 0.96 3.20
C TYR B 87 20.90 2.43 3.15
N TYR B 88 22.19 2.67 2.96
CA TYR B 88 22.73 4.00 2.77
C TYR B 88 23.04 4.25 1.30
N ALA B 89 23.66 5.40 1.03
CA ALA B 89 24.17 5.77 -0.29
C ALA B 89 25.69 5.91 -0.20
N ASP B 90 26.28 6.41 -1.28
CA ASP B 90 27.74 6.53 -1.35
C ASP B 90 28.28 7.45 -0.26
N SER B 91 27.92 8.73 -0.31
CA SER B 91 28.41 9.70 0.68
C SER B 91 27.45 9.83 1.85
N VAL B 92 27.06 8.70 2.43
CA VAL B 92 26.13 8.67 3.56
C VAL B 92 26.76 7.91 4.71
N LYS B 93 27.37 6.76 4.41
CA LYS B 93 27.86 5.86 5.43
C LYS B 93 28.65 6.59 6.50
N GLY B 94 28.31 6.31 7.77
CA GLY B 94 29.04 6.85 8.90
C GLY B 94 28.70 8.26 9.29
N ARG B 95 27.75 8.90 8.61
CA ARG B 95 27.41 10.29 8.91
C ARG B 95 25.91 10.57 8.96
N PHE B 96 25.06 9.65 8.53
CA PHE B 96 23.61 9.81 8.62
C PHE B 96 23.01 8.56 9.24
N THR B 97 21.89 8.74 9.93
CA THR B 97 21.13 7.61 10.44
C THR B 97 19.65 7.95 10.35
N ILE B 98 18.83 6.89 10.26
CA ILE B 98 17.39 7.03 10.09
C ILE B 98 16.71 6.21 11.18
N SER B 99 15.75 6.83 11.86
CA SER B 99 14.95 6.13 12.87
C SER B 99 13.51 6.58 12.70
N ARG B 100 12.59 5.91 13.39
CA ARG B 100 11.19 6.29 13.28
C ARG B 100 10.40 5.72 14.43
N ASP B 101 9.46 6.52 14.94
CA ASP B 101 8.54 6.13 15.99
C ASP B 101 7.16 5.95 15.38
N ASN B 102 6.62 4.74 15.46
CA ASN B 102 5.29 4.46 14.95
C ASN B 102 4.21 4.85 15.95
N ALA B 103 4.55 5.01 17.23
CA ALA B 103 3.58 5.48 18.21
C ALA B 103 3.17 6.91 17.91
N LYS B 104 4.15 7.80 17.71
CA LYS B 104 3.89 9.16 17.30
C LYS B 104 3.77 9.29 15.78
N ASN B 105 4.04 8.22 15.02
CA ASN B 105 3.85 8.20 13.58
C ASN B 105 4.69 9.30 12.91
N SER B 106 6.01 9.11 12.99
CA SER B 106 6.93 9.99 12.27
C SER B 106 8.29 9.31 12.19
N LEU B 107 9.18 9.91 11.40
CA LEU B 107 10.57 9.47 11.32
C LEU B 107 11.51 10.64 11.51
N TYR B 108 12.71 10.32 12.00
CA TYR B 108 13.75 11.31 12.27
C TYR B 108 15.03 10.88 11.57
N LEU B 109 15.64 11.82 10.85
CA LEU B 109 16.97 11.63 10.28
C LEU B 109 17.95 12.39 11.15
N GLN B 110 18.95 11.68 11.67
CA GLN B 110 20.01 12.28 12.48
C GLN B 110 21.24 12.43 11.60
N MET B 111 21.84 13.62 11.64
CA MET B 111 22.82 14.04 10.64
C MET B 111 24.02 14.64 11.38
N ASN B 112 25.15 13.94 11.33
CA ASN B 112 26.34 14.30 12.09
C ASN B 112 27.53 14.50 11.15
N SER B 113 28.46 15.35 11.57
CA SER B 113 29.68 15.63 10.83
C SER B 113 29.35 16.14 9.42
N LEU B 114 28.73 17.31 9.39
CA LEU B 114 28.26 17.89 8.14
C LEU B 114 29.42 18.53 7.37
N ARG B 115 29.22 18.64 6.06
CA ARG B 115 30.11 19.37 5.17
C ARG B 115 29.28 20.20 4.21
N ASP B 116 29.88 21.25 3.67
CA ASP B 116 29.15 22.18 2.82
C ASP B 116 28.54 21.49 1.61
N GLU B 117 29.08 20.34 1.20
CA GLU B 117 28.45 19.56 0.15
C GLU B 117 27.14 18.92 0.58
N ASP B 118 26.83 18.96 1.87
CA ASP B 118 25.56 18.42 2.36
C ASP B 118 24.41 19.40 2.22
N THR B 119 24.71 20.71 2.16
CA THR B 119 23.65 21.70 2.11
C THR B 119 22.72 21.43 0.94
N ALA B 120 21.42 21.41 1.22
CA ALA B 120 20.44 21.15 0.17
C ALA B 120 19.01 21.26 0.69
N LEU B 121 18.06 21.09 -0.21
CA LEU B 121 16.64 20.98 0.13
C LEU B 121 16.33 19.49 0.27
N TYR B 122 16.17 19.04 1.51
CA TYR B 122 15.92 17.65 1.80
C TYR B 122 14.42 17.35 1.73
N TYR B 123 14.09 16.22 1.11
CA TYR B 123 12.71 15.81 0.86
C TYR B 123 12.46 14.46 1.53
N CYS B 124 11.31 14.35 2.19
CA CYS B 124 10.82 13.09 2.74
C CYS B 124 9.80 12.50 1.77
N ALA B 125 9.91 11.20 1.50
CA ALA B 125 9.06 10.56 0.51
C ALA B 125 8.64 9.19 1.02
N ARG B 126 7.59 8.64 0.40
CA ARG B 126 6.99 7.38 0.81
C ARG B 126 7.18 6.34 -0.29
N GLY B 127 7.01 5.07 0.09
CA GLY B 127 7.04 3.97 -0.85
C GLY B 127 5.71 3.80 -1.56
N GLY B 128 5.55 2.64 -2.18
CA GLY B 128 4.36 2.37 -2.96
C GLY B 128 3.59 1.13 -2.56
N GLY B 129 4.27 0.17 -1.92
CA GLY B 129 3.68 -1.13 -1.68
C GLY B 129 3.81 -2.03 -2.89
N TYR B 130 3.10 -3.16 -2.85
CA TYR B 130 3.19 -4.11 -3.95
C TYR B 130 2.82 -3.46 -5.27
N ASN B 131 1.69 -2.76 -5.31
CA ASN B 131 1.41 -1.92 -6.47
C ASN B 131 2.48 -0.83 -6.55
N TYR B 132 2.57 -0.22 -7.73
CA TYR B 132 3.66 0.74 -7.99
C TYR B 132 4.94 -0.07 -7.82
N GLY B 133 5.94 0.45 -7.12
CA GLY B 133 7.13 -0.32 -6.78
C GLY B 133 7.67 0.16 -5.47
N GLU B 134 9.00 0.32 -5.40
CA GLU B 134 9.62 1.07 -4.31
C GLU B 134 9.72 2.55 -4.65
N CYS B 135 8.85 3.04 -5.51
CA CYS B 135 8.96 4.37 -6.08
C CYS B 135 8.51 5.40 -5.04
N MET B 136 8.44 6.66 -5.43
CA MET B 136 7.99 7.75 -4.57
C MET B 136 6.72 8.33 -5.15
N ASP B 137 5.67 8.42 -4.32
CA ASP B 137 4.38 8.93 -4.77
C ASP B 137 3.94 10.19 -4.02
N VAL B 138 4.07 10.21 -2.70
CA VAL B 138 3.71 11.37 -1.90
C VAL B 138 4.99 12.00 -1.37
N TRP B 139 5.14 13.31 -1.58
CA TRP B 139 6.34 14.04 -1.22
C TRP B 139 5.96 15.20 -0.31
N GLY B 140 6.67 15.32 0.82
CA GLY B 140 6.47 16.47 1.68
C GLY B 140 7.07 17.73 1.08
N GLN B 141 6.65 18.87 1.64
CA GLN B 141 7.13 20.15 1.11
C GLN B 141 8.62 20.32 1.25
N GLY B 142 9.27 19.54 2.11
CA GLY B 142 10.71 19.56 2.23
C GLY B 142 11.20 20.60 3.22
N THR B 143 12.50 20.53 3.50
CA THR B 143 13.17 21.49 4.38
C THR B 143 14.49 21.89 3.73
N THR B 144 15.15 22.89 4.32
CA THR B 144 16.42 23.39 3.83
C THR B 144 17.48 23.24 4.92
N VAL B 145 18.69 22.84 4.53
CA VAL B 145 19.82 22.74 5.45
C VAL B 145 21.04 23.32 4.78
N THR B 146 21.82 24.09 5.53
CA THR B 146 23.05 24.67 4.99
C THR B 146 23.97 25.07 6.13
N VAL B 147 25.26 24.85 5.91
CA VAL B 147 26.30 25.29 6.85
C VAL B 147 26.77 26.67 6.42
N SER B 148 26.93 27.57 7.38
CA SER B 148 27.37 28.93 7.08
C SER B 148 27.83 29.65 8.36
N ASP C 29 26.71 1.71 -8.44
CA ASP C 29 27.66 1.99 -9.56
C ASP C 29 26.91 2.16 -10.87
N ILE C 30 25.63 2.51 -10.78
CA ILE C 30 24.79 2.67 -11.98
C ILE C 30 24.93 4.12 -12.41
N GLN C 31 25.97 4.38 -13.21
CA GLN C 31 26.13 5.69 -13.83
C GLN C 31 25.12 5.84 -14.95
N MET C 32 24.33 6.91 -14.90
CA MET C 32 23.21 7.10 -15.80
C MET C 32 23.45 8.32 -16.67
N THR C 33 22.97 8.24 -17.91
CA THR C 33 23.13 9.30 -18.89
C THR C 33 21.79 9.60 -19.54
N GLN C 34 21.59 10.86 -19.90
CA GLN C 34 20.39 11.30 -20.60
C GLN C 34 20.78 12.40 -21.59
N SER C 35 20.20 12.35 -22.79
CA SER C 35 20.62 13.25 -23.85
C SER C 35 20.07 14.65 -23.70
N PRO C 36 18.75 14.86 -23.55
CA PRO C 36 18.20 16.23 -23.64
C PRO C 36 18.39 17.06 -22.37
N ASP C 37 19.56 17.69 -22.28
CA ASP C 37 19.86 18.60 -21.18
C ASP C 37 19.15 19.93 -21.45
N SER C 38 18.10 20.21 -20.69
CA SER C 38 17.31 21.44 -20.85
C SER C 38 16.72 21.53 -22.26
N LEU C 39 15.90 20.54 -22.58
CA LEU C 39 15.29 20.47 -23.90
C LEU C 39 14.35 21.64 -24.14
N ALA C 40 14.31 22.11 -25.39
CA ALA C 40 13.40 23.16 -25.83
C ALA C 40 12.92 22.77 -27.23
N VAL C 41 11.66 22.33 -27.32
CA VAL C 41 11.15 21.68 -28.53
C VAL C 41 10.16 22.57 -29.26
N SER C 42 10.66 23.39 -30.19
CA SER C 42 9.84 24.12 -31.15
C SER C 42 8.76 24.97 -30.48
N LEU C 43 8.88 25.22 -29.18
CA LEU C 43 7.92 26.00 -28.42
C LEU C 43 6.56 25.32 -28.28
N GLY C 44 6.41 24.10 -28.80
CA GLY C 44 5.12 23.44 -28.76
C GLY C 44 5.20 22.04 -29.35
N GLU C 45 4.03 21.52 -29.70
CA GLU C 45 3.88 20.19 -30.30
C GLU C 45 4.22 19.09 -29.30
N ARG C 46 5.33 18.38 -29.51
CA ARG C 46 5.69 17.21 -28.72
C ARG C 46 7.01 17.45 -28.00
N ALA C 47 7.51 16.40 -27.35
CA ALA C 47 8.79 16.45 -26.65
C ALA C 47 9.28 15.03 -26.46
N THR C 48 10.59 14.83 -26.62
CA THR C 48 11.20 13.51 -26.57
C THR C 48 12.33 13.51 -25.55
N ILE C 49 12.34 12.52 -24.67
CA ILE C 49 13.37 12.35 -23.66
C ILE C 49 13.90 10.93 -23.76
N ASN C 50 15.23 10.79 -23.78
CA ASN C 50 15.88 9.49 -23.89
C ASN C 50 16.66 9.20 -22.62
N CYS C 51 16.50 7.98 -22.09
CA CYS C 51 17.07 7.59 -20.81
C CYS C 51 17.61 6.18 -20.93
N LYS C 52 18.90 6.00 -20.64
CA LYS C 52 19.56 4.72 -20.81
C LYS C 52 20.36 4.38 -19.55
N SER C 53 20.53 3.08 -19.32
CA SER C 53 21.25 2.58 -18.15
C SER C 53 22.33 1.61 -18.59
N SER C 54 23.43 1.58 -17.84
CA SER C 54 24.53 0.67 -18.16
C SER C 54 24.09 -0.78 -18.00
N GLN C 55 23.67 -1.16 -16.81
CA GLN C 55 23.20 -2.51 -16.55
C GLN C 55 21.71 -2.61 -16.86
N SER C 56 21.32 -3.70 -17.52
CA SER C 56 19.93 -3.88 -17.90
C SER C 56 19.03 -3.90 -16.67
N VAL C 57 17.84 -3.32 -16.80
CA VAL C 57 16.95 -3.16 -15.65
C VAL C 57 15.97 -4.31 -15.50
N LEU C 58 15.65 -5.02 -16.59
CA LEU C 58 14.68 -6.10 -16.52
C LEU C 58 15.13 -7.19 -15.56
N TYR C 59 14.23 -8.13 -15.31
CA TYR C 59 14.50 -9.30 -14.49
C TYR C 59 14.17 -10.56 -15.25
N SER C 60 14.81 -11.67 -14.86
CA SER C 60 14.64 -12.93 -15.57
C SER C 60 13.18 -13.37 -15.57
N SER C 61 12.64 -13.71 -14.41
CA SER C 61 11.25 -14.17 -14.30
C SER C 61 10.31 -13.03 -13.91
N ASN C 62 10.41 -11.90 -14.59
CA ASN C 62 9.43 -10.84 -14.44
C ASN C 62 8.93 -10.29 -15.77
N ASN C 63 9.81 -10.17 -16.76
CA ASN C 63 9.47 -9.55 -18.04
C ASN C 63 8.99 -8.10 -17.86
N LYS C 64 9.47 -7.44 -16.81
CA LYS C 64 9.07 -6.06 -16.52
C LYS C 64 10.31 -5.27 -16.13
N ASN C 65 10.24 -3.95 -16.33
CA ASN C 65 11.39 -3.07 -16.12
C ASN C 65 11.20 -2.23 -14.87
N TYR C 66 12.24 -2.19 -14.03
CA TYR C 66 12.20 -1.47 -12.75
C TYR C 66 12.84 -0.08 -12.87
N LEU C 67 12.25 0.75 -13.75
CA LEU C 67 12.66 2.14 -13.88
C LEU C 67 11.42 3.01 -13.95
N ALA C 68 11.50 4.20 -13.35
CA ALA C 68 10.35 5.08 -13.22
C ALA C 68 10.69 6.48 -13.70
N TRP C 69 9.65 7.23 -14.07
CA TRP C 69 9.79 8.60 -14.56
C TRP C 69 9.03 9.54 -13.65
N TYR C 70 9.70 10.65 -13.29
CA TYR C 70 9.21 11.63 -12.34
C TYR C 70 9.02 12.99 -13.00
N GLN C 71 8.00 13.72 -12.55
CA GLN C 71 7.81 15.12 -12.91
C GLN C 71 8.17 16.01 -11.73
N GLN C 72 8.64 17.22 -12.02
CA GLN C 72 8.91 18.18 -10.95
C GLN C 72 8.80 19.59 -11.51
N LYS C 73 7.77 20.32 -11.06
CA LYS C 73 7.69 21.74 -11.35
C LYS C 73 8.64 22.50 -10.41
N PRO C 74 9.09 23.68 -10.82
CA PRO C 74 9.94 24.48 -9.91
C PRO C 74 9.23 24.74 -8.60
N GLY C 75 9.97 24.60 -7.51
CA GLY C 75 9.37 24.78 -6.20
C GLY C 75 8.76 23.50 -5.67
N GLN C 76 7.47 23.33 -5.91
CA GLN C 76 6.69 22.21 -5.39
C GLN C 76 7.40 20.88 -5.62
N PRO C 77 7.12 19.87 -4.81
CA PRO C 77 7.92 18.64 -4.86
C PRO C 77 7.68 17.86 -6.14
N PRO C 78 8.61 16.98 -6.52
CA PRO C 78 8.39 16.13 -7.71
C PRO C 78 7.19 15.22 -7.54
N LYS C 79 6.58 14.88 -8.67
CA LYS C 79 5.36 14.07 -8.70
C LYS C 79 5.56 12.89 -9.64
N LEU C 80 4.73 11.87 -9.44
CA LEU C 80 4.81 10.63 -10.22
C LEU C 80 4.30 10.84 -11.64
N LEU C 81 5.01 10.26 -12.60
CA LEU C 81 4.49 10.11 -13.96
C LEU C 81 4.36 8.65 -14.36
N ILE C 82 5.45 7.89 -14.34
CA ILE C 82 5.47 6.52 -14.84
C ILE C 82 6.10 5.62 -13.80
N TYR C 83 5.42 4.53 -13.47
CA TYR C 83 5.96 3.50 -12.60
C TYR C 83 6.02 2.18 -13.38
N TRP C 84 7.07 1.42 -13.11
CA TRP C 84 7.40 0.19 -13.84
C TRP C 84 7.75 0.45 -15.30
N ALA C 85 8.02 1.71 -15.66
CA ALA C 85 8.59 2.14 -16.94
C ALA C 85 7.60 2.09 -18.10
N SER C 86 6.38 1.58 -17.91
CA SER C 86 5.45 1.45 -19.02
C SER C 86 4.01 1.81 -18.68
N THR C 87 3.69 2.16 -17.45
CA THR C 87 2.31 2.39 -17.03
C THR C 87 2.12 3.85 -16.67
N ARG C 88 1.00 4.43 -17.12
CA ARG C 88 0.65 5.79 -16.76
C ARG C 88 0.11 5.81 -15.33
N GLU C 89 0.74 6.61 -14.47
CA GLU C 89 0.30 6.70 -13.09
C GLU C 89 -1.09 7.30 -13.01
N SER C 90 -1.93 6.70 -12.17
CA SER C 90 -3.27 7.24 -11.94
C SER C 90 -3.17 8.62 -11.32
N GLY C 91 -4.04 9.52 -11.77
CA GLY C 91 -4.03 10.90 -11.33
C GLY C 91 -3.49 11.89 -12.34
N VAL C 92 -3.14 11.42 -13.54
CA VAL C 92 -2.66 12.31 -14.61
C VAL C 92 -3.40 11.94 -15.89
N PRO C 93 -3.64 12.89 -16.81
CA PRO C 93 -4.28 12.53 -18.07
C PRO C 93 -3.45 11.55 -18.89
N ASP C 94 -3.98 11.13 -20.04
CA ASP C 94 -3.38 10.08 -20.84
C ASP C 94 -2.36 10.60 -21.85
N ARG C 95 -2.02 11.90 -21.80
CA ARG C 95 -1.08 12.45 -22.77
C ARG C 95 0.27 11.74 -22.70
N PHE C 96 0.84 11.66 -21.50
CA PHE C 96 2.18 11.12 -21.34
C PHE C 96 2.20 9.62 -21.60
N SER C 97 3.32 9.13 -22.12
CA SER C 97 3.49 7.69 -22.32
C SER C 97 4.97 7.39 -22.45
N GLY C 98 5.51 6.59 -21.52
CA GLY C 98 6.89 6.18 -21.55
C GLY C 98 7.01 4.73 -21.98
N SER C 99 7.91 4.47 -22.91
CA SER C 99 8.12 3.13 -23.45
C SER C 99 9.62 2.88 -23.58
N GLY C 100 9.97 1.79 -24.23
CA GLY C 100 11.36 1.43 -24.46
C GLY C 100 11.63 -0.04 -24.18
N SER C 101 12.81 -0.46 -24.61
CA SER C 101 13.24 -1.85 -24.45
C SER C 101 13.71 -2.07 -23.01
N GLY C 102 14.37 -3.19 -22.76
CA GLY C 102 14.85 -3.52 -21.44
C GLY C 102 16.05 -2.73 -20.97
N THR C 103 16.65 -1.91 -21.84
CA THR C 103 17.77 -1.07 -21.47
C THR C 103 17.63 0.38 -21.94
N ASP C 104 16.85 0.65 -22.97
CA ASP C 104 16.64 2.00 -23.48
C ASP C 104 15.19 2.42 -23.20
N PHE C 105 15.00 3.71 -22.89
CA PHE C 105 13.69 4.21 -22.52
C PHE C 105 13.48 5.58 -23.17
N THR C 106 12.24 5.85 -23.55
CA THR C 106 11.91 7.08 -24.24
C THR C 106 10.53 7.55 -23.80
N LEU C 107 10.30 8.85 -23.94
CA LEU C 107 9.04 9.48 -23.59
C LEU C 107 8.25 9.84 -24.84
N THR C 108 6.96 10.06 -24.66
CA THR C 108 6.08 10.57 -25.71
C THR C 108 5.01 11.41 -25.04
N ILE C 109 5.08 12.72 -25.24
CA ILE C 109 4.06 13.63 -24.74
C ILE C 109 3.09 14.06 -25.83
N SER C 110 3.46 13.94 -27.10
CA SER C 110 2.57 14.24 -28.21
C SER C 110 2.23 15.73 -28.25
N SER C 111 1.37 16.18 -27.34
CA SER C 111 0.93 17.57 -27.28
C SER C 111 1.58 18.25 -26.09
N LEU C 112 2.29 19.34 -26.34
CA LEU C 112 2.98 20.10 -25.31
C LEU C 112 2.06 21.24 -24.87
N GLN C 113 1.33 21.01 -23.77
CA GLN C 113 0.41 22.01 -23.27
C GLN C 113 1.19 23.13 -22.56
N ALA C 114 0.46 24.17 -22.15
CA ALA C 114 1.06 25.32 -21.49
C ALA C 114 1.27 25.11 -20.00
N GLU C 115 0.81 24.00 -19.44
CA GLU C 115 0.94 23.70 -18.02
C GLU C 115 1.57 22.33 -17.82
N ASP C 116 2.64 22.05 -18.57
CA ASP C 116 3.38 20.81 -18.41
C ASP C 116 4.89 21.03 -18.37
N VAL C 117 5.38 22.24 -18.68
CA VAL C 117 6.82 22.49 -18.68
C VAL C 117 7.35 22.34 -17.27
N ALA C 118 8.22 21.34 -17.09
CA ALA C 118 8.83 21.07 -15.80
C ALA C 118 9.83 19.93 -15.98
N VAL C 119 10.75 19.80 -15.02
CA VAL C 119 11.89 18.91 -15.21
C VAL C 119 11.42 17.46 -15.07
N TYR C 120 12.07 16.59 -15.85
CA TYR C 120 11.75 15.17 -15.93
C TYR C 120 12.93 14.38 -15.37
N TYR C 121 12.63 13.33 -14.61
CA TYR C 121 13.67 12.59 -13.91
C TYR C 121 13.51 11.09 -14.13
N CYS C 122 14.64 10.39 -14.15
CA CYS C 122 14.70 8.94 -14.20
C CYS C 122 15.07 8.40 -12.82
N GLN C 123 14.38 7.34 -12.40
CA GLN C 123 14.78 6.59 -11.20
C GLN C 123 15.05 5.14 -11.57
N HIS C 124 16.22 4.66 -11.16
CA HIS C 124 16.72 3.32 -11.44
C HIS C 124 16.76 2.54 -10.15
N TYR C 125 15.77 1.66 -9.94
CA TYR C 125 15.65 0.89 -8.70
C TYR C 125 15.73 -0.61 -8.95
N TYR C 126 16.70 -1.03 -9.77
CA TYR C 126 17.03 -2.44 -9.90
C TYR C 126 18.03 -2.90 -8.86
N SER C 127 18.64 -1.97 -8.12
CA SER C 127 19.69 -2.28 -7.16
C SER C 127 19.39 -1.59 -5.84
N PRO C 128 19.98 -2.05 -4.75
CA PRO C 128 19.69 -1.44 -3.44
C PRO C 128 20.01 0.04 -3.41
N PRO C 129 21.03 0.51 -4.14
CA PRO C 129 21.29 1.96 -4.22
C PRO C 129 20.64 2.60 -5.43
N PRO C 130 19.34 2.88 -5.41
CA PRO C 130 18.77 3.71 -6.49
C PRO C 130 19.55 5.00 -6.67
N THR C 131 19.60 5.47 -7.90
CA THR C 131 20.23 6.74 -8.24
C THR C 131 19.35 7.50 -9.23
N PHE C 132 19.34 8.82 -9.11
CA PHE C 132 18.59 9.67 -10.02
C PHE C 132 19.53 10.21 -11.08
N GLY C 133 19.26 9.88 -12.34
CA GLY C 133 20.14 10.22 -13.43
C GLY C 133 20.50 11.69 -13.49
N GLY C 134 19.52 12.53 -13.80
CA GLY C 134 19.76 13.95 -13.91
C GLY C 134 18.48 14.67 -14.28
N GLY C 135 18.62 15.98 -14.48
CA GLY C 135 17.50 16.86 -14.78
C GLY C 135 17.45 17.22 -16.25
N THR C 136 16.24 17.19 -16.82
CA THR C 136 15.98 17.66 -18.17
C THR C 136 14.87 18.69 -18.09
N LYS C 137 15.21 19.95 -18.36
CA LYS C 137 14.27 21.05 -18.16
C LYS C 137 13.46 21.22 -19.44
N VAL C 138 12.26 20.64 -19.47
CA VAL C 138 11.35 20.80 -20.58
C VAL C 138 10.64 22.14 -20.42
N GLU C 139 10.87 23.05 -21.37
CA GLU C 139 10.33 24.40 -21.25
C GLU C 139 10.17 24.97 -22.65
N ILE C 140 9.34 26.00 -22.75
CA ILE C 140 8.90 26.54 -24.05
C ILE C 140 8.69 25.42 -25.05
#